data_6OVE
#
_entry.id   6OVE
#
_cell.length_a   54.694
_cell.length_b   86.987
_cell.length_c   121.984
_cell.angle_alpha   90.00
_cell.angle_beta   90.00
_cell.angle_gamma   90.00
#
_symmetry.space_group_name_H-M   'P 21 21 21'
#
loop_
_entity.id
_entity.type
_entity.pdbx_description
1 polymer 'Glutamate receptor ionotropic, NMDA 1'
2 polymer 'Glutamate receptor ionotropic, NMDA 2A'
3 non-polymer GLYCINE
4 non-polymer '(3R,5S)-5-[(2R)-2-amino-2-carboxyethyl]-1-(4-propylphenyl)pyrazolidine-3-carboxylic acid'
5 water water
#
loop_
_entity_poly.entity_id
_entity_poly.type
_entity_poly.pdbx_seq_one_letter_code
_entity_poly.pdbx_strand_id
1 'polypeptide(L)'
;GMSTRLKIVTIHQEPFVYVKPTMSDGTCKEEFTVNGDPVKKVICTGPNDTSPGSPRHTVPQCCYGFCIDLLIKLARTMNF
TYEVHLVADGKFGTQERVNNSNKKEWNGMMGELLSGQADMIVAPLTINNERAQYIEFSKPFKYQGLTILVKKGTRITGIN
DPRLRNPSDKFIYATVKQSSVDIYFRRQVELSTMYRHMEKHNYESAAEAIQAVRDNKLHAFIWDSAVLEFEASQKCDLVT
TGELFFRSGFGIGMRKDSPWKQNVSLSILKSHENGFMEDLDKTWVRYQECDS
;
A
2 'polypeptide(L)'
;SDDNHLSIVTLEEAPFVIVEDIDPLTETCVRNTVPCRKFVKINNSTNEGMNVKKCCKGFCIDILKKLSRTVKFTYDLYLV
TNGKHGKKVNNVWNGMIGEVVYQRAVMAVGSLTINEERSEVVDFSVPFVETGISVMVSRGTQVTGLSDKKFQRPHDYSPP
FRFGTVPNGSTERNIRNNYPYMHQYMTRFNQRGVEDALVSLKTGKLDAFIYDAAVLNYKAGRDEGCKLVTIGSGYIFATT
GYGIALQKGSPWKRQIDLALLQFVGDGEMEELETLWLTGICH
;
B
#
loop_
_chem_comp.id
_chem_comp.type
_chem_comp.name
_chem_comp.formula
N9D non-polymer '(3R,5S)-5-[(2R)-2-amino-2-carboxyethyl]-1-(4-propylphenyl)pyrazolidine-3-carboxylic acid' 'C16 H23 N3 O4'
#
# COMPACT_ATOMS: atom_id res chain seq x y z
N THR A 4 15.10 10.51 -25.95
CA THR A 4 16.00 10.37 -24.82
C THR A 4 15.43 11.08 -23.60
N ARG A 5 14.65 12.14 -23.85
CA ARG A 5 13.87 12.78 -22.80
C ARG A 5 12.61 11.97 -22.57
N LEU A 6 12.39 11.53 -21.33
CA LEU A 6 11.22 10.73 -21.02
C LEU A 6 9.96 11.57 -21.10
N LYS A 7 8.98 11.09 -21.86
CA LYS A 7 7.69 11.76 -21.98
C LYS A 7 6.80 11.32 -20.83
N ILE A 8 6.52 12.23 -19.91
CA ILE A 8 5.70 11.96 -18.74
C ILE A 8 4.29 12.46 -18.99
N VAL A 9 3.31 11.59 -18.79
CA VAL A 9 1.90 11.97 -18.85
C VAL A 9 1.37 12.02 -17.43
N THR A 10 0.47 12.97 -17.17
CA THR A 10 -0.15 13.11 -15.86
C THR A 10 -1.56 13.65 -16.07
N ILE A 11 -2.21 14.00 -14.97
CA ILE A 11 -3.62 14.40 -14.98
C ILE A 11 -3.85 15.38 -13.85
N HIS A 12 -4.81 16.28 -14.04
CA HIS A 12 -5.15 17.24 -13.00
C HIS A 12 -5.89 16.52 -11.88
N GLN A 13 -5.31 16.54 -10.68
CA GLN A 13 -5.90 15.85 -9.53
C GLN A 13 -5.20 16.36 -8.28
N GLU A 14 -5.72 17.45 -7.72
CA GLU A 14 -5.20 17.95 -6.46
C GLU A 14 -5.52 16.95 -5.34
N PRO A 15 -4.62 16.79 -4.36
CA PRO A 15 -3.37 17.53 -4.18
C PRO A 15 -2.16 16.87 -4.82
N PHE A 16 -2.38 15.91 -5.72
CA PHE A 16 -1.25 15.20 -6.31
C PHE A 16 -0.66 15.97 -7.50
N VAL A 17 -1.51 16.61 -8.31
CA VAL A 17 -1.06 17.42 -9.43
C VAL A 17 -1.91 18.68 -9.47
N TYR A 18 -1.30 19.83 -9.21
CA TYR A 18 -1.94 21.11 -9.45
C TYR A 18 -1.57 21.61 -10.84
N VAL A 19 -2.50 22.35 -11.45
CA VAL A 19 -2.27 22.93 -12.77
C VAL A 19 -2.69 24.39 -12.72
N LYS A 20 -1.73 25.29 -12.92
CA LYS A 20 -1.94 26.71 -12.85
C LYS A 20 -1.40 27.40 -14.10
N PRO A 21 -1.98 28.54 -14.48
CA PRO A 21 -1.47 29.27 -15.65
C PRO A 21 -0.05 29.74 -15.42
N THR A 22 0.68 29.89 -16.53
CA THR A 22 2.04 30.40 -16.48
C THR A 22 2.03 31.92 -16.34
N MET A 23 3.18 32.47 -15.94
CA MET A 23 3.36 33.90 -16.04
C MET A 23 3.58 34.29 -17.49
N SER A 24 3.33 35.57 -17.80
CA SER A 24 3.57 36.05 -19.16
C SER A 24 5.02 35.88 -19.57
N ASP A 25 5.94 35.80 -18.61
CA ASP A 25 7.32 35.42 -18.87
C ASP A 25 7.43 34.01 -19.46
N GLY A 26 6.38 33.21 -19.32
CA GLY A 26 6.47 31.80 -19.65
C GLY A 26 7.02 30.94 -18.53
N THR A 27 7.44 31.55 -17.44
CA THR A 27 7.91 30.85 -16.25
C THR A 27 6.79 30.78 -15.21
N CYS A 28 7.09 30.18 -14.07
CA CYS A 28 6.09 29.85 -13.08
C CYS A 28 6.31 30.66 -11.81
N LYS A 29 5.21 31.14 -11.24
CA LYS A 29 5.24 31.90 -10.00
C LYS A 29 6.00 31.12 -8.93
N GLU A 30 6.95 31.78 -8.28
CA GLU A 30 7.73 31.19 -7.20
C GLU A 30 6.97 31.30 -5.88
N GLU A 31 6.72 30.16 -5.25
CA GLU A 31 6.04 30.13 -3.97
C GLU A 31 6.76 29.18 -3.02
N PHE A 32 6.40 29.29 -1.74
CA PHE A 32 6.84 28.38 -0.70
C PHE A 32 5.61 27.91 0.06
N THR A 33 5.75 26.77 0.73
CA THR A 33 4.68 26.29 1.60
C THR A 33 4.59 27.18 2.85
N VAL A 34 3.50 27.01 3.58
CA VAL A 34 3.31 27.77 4.82
C VAL A 34 4.40 27.44 5.84
N ASN A 35 5.06 26.29 5.69
CA ASN A 35 6.14 25.89 6.58
C ASN A 35 7.52 26.22 6.03
N GLY A 36 7.59 26.90 4.88
CA GLY A 36 8.85 27.40 4.36
C GLY A 36 9.55 26.53 3.35
N ASP A 37 8.90 25.48 2.85
CA ASP A 37 9.65 24.71 1.87
C ASP A 37 9.33 25.18 0.45
N PRO A 38 10.31 25.18 -0.45
CA PRO A 38 10.06 25.63 -1.82
C PRO A 38 9.08 24.71 -2.54
N VAL A 39 8.17 25.33 -3.30
CA VAL A 39 7.20 24.59 -4.10
C VAL A 39 7.81 24.42 -5.50
N LYS A 40 8.31 23.23 -5.78
CA LYS A 40 8.95 22.98 -7.06
C LYS A 40 7.90 22.85 -8.15
N LYS A 41 8.08 23.58 -9.24
CA LYS A 41 7.13 23.62 -10.34
C LYS A 41 7.82 23.24 -11.64
N VAL A 42 7.13 22.48 -12.48
CA VAL A 42 7.62 22.10 -13.80
C VAL A 42 6.63 22.59 -14.83
N ILE A 43 7.13 22.82 -16.05
CA ILE A 43 6.27 23.24 -17.15
C ILE A 43 5.51 22.02 -17.67
N CYS A 44 4.19 22.11 -17.70
CA CYS A 44 3.39 21.09 -18.36
C CYS A 44 2.68 21.71 -19.56
N THR A 45 2.47 20.87 -20.58
CA THR A 45 1.71 21.20 -21.77
C THR A 45 0.39 20.44 -21.71
N GLY A 46 -0.69 21.10 -22.09
CA GLY A 46 -2.00 20.51 -22.03
C GLY A 46 -3.04 21.30 -22.79
N PRO A 47 -4.22 20.70 -22.98
CA PRO A 47 -5.35 21.31 -23.70
C PRO A 47 -5.96 22.49 -22.94
N THR A 58 -1.24 21.99 -25.96
CA THR A 58 -1.35 23.16 -26.81
C THR A 58 -0.85 24.42 -26.12
N VAL A 59 -1.07 24.49 -24.81
CA VAL A 59 -0.66 25.66 -24.03
C VAL A 59 0.28 25.22 -22.90
N PRO A 60 1.38 25.95 -22.67
CA PRO A 60 2.23 25.62 -21.53
C PRO A 60 1.61 26.09 -20.22
N GLN A 61 1.69 25.23 -19.20
CA GLN A 61 1.14 25.54 -17.89
C GLN A 61 2.12 25.12 -16.81
N CYS A 62 1.75 25.44 -15.57
CA CYS A 62 2.58 25.17 -14.40
C CYS A 62 1.97 24.02 -13.62
N CYS A 63 2.76 22.97 -13.39
CA CYS A 63 2.29 21.81 -12.65
C CYS A 63 3.17 21.55 -11.44
N TYR A 64 2.52 21.24 -10.33
CA TYR A 64 3.22 20.99 -9.07
C TYR A 64 2.32 20.14 -8.17
N GLY A 65 2.93 19.55 -7.17
CA GLY A 65 2.21 18.79 -6.18
C GLY A 65 2.94 17.52 -5.81
N PHE A 66 2.18 16.62 -5.16
CA PHE A 66 2.73 15.39 -4.61
C PHE A 66 3.50 14.59 -5.68
N CYS A 67 2.83 14.28 -6.79
CA CYS A 67 3.42 13.44 -7.83
C CYS A 67 4.50 14.18 -8.61
N ILE A 68 4.42 15.50 -8.67
CA ILE A 68 5.49 16.27 -9.30
C ILE A 68 6.75 16.22 -8.44
N ASP A 69 6.59 16.33 -7.12
CA ASP A 69 7.72 16.16 -6.21
C ASP A 69 8.33 14.77 -6.36
N LEU A 70 7.49 13.76 -6.52
CA LEU A 70 8.00 12.40 -6.70
C LEU A 70 8.73 12.25 -8.02
N LEU A 71 8.20 12.85 -9.09
CA LEU A 71 8.85 12.78 -10.39
C LEU A 71 10.23 13.43 -10.34
N ILE A 72 10.34 14.58 -9.68
CA ILE A 72 11.62 15.26 -9.56
C ILE A 72 12.61 14.41 -8.77
N LYS A 73 12.12 13.73 -7.72
CA LYS A 73 12.99 12.85 -6.95
C LYS A 73 13.45 11.65 -7.78
N LEU A 74 12.53 11.04 -8.53
CA LEU A 74 12.91 9.92 -9.39
C LEU A 74 13.90 10.35 -10.46
N ALA A 75 13.69 11.53 -11.05
CA ALA A 75 14.57 11.99 -12.12
C ALA A 75 15.96 12.28 -11.60
N ARG A 76 16.07 12.92 -10.43
CA ARG A 76 17.38 13.19 -9.85
C ARG A 76 18.08 11.91 -9.42
N THR A 77 17.31 10.95 -8.89
CA THR A 77 17.91 9.71 -8.42
C THR A 77 18.39 8.85 -9.59
N MET A 78 17.56 8.69 -10.62
CA MET A 78 17.88 7.85 -11.76
C MET A 78 18.58 8.59 -12.90
N ASN A 79 18.78 9.90 -12.77
CA ASN A 79 19.58 10.68 -13.72
C ASN A 79 18.98 10.64 -15.12
N PHE A 80 17.70 11.03 -15.22
CA PHE A 80 17.06 11.19 -16.52
C PHE A 80 16.38 12.55 -16.58
N THR A 81 16.14 13.00 -17.81
CA THR A 81 15.40 14.22 -18.08
C THR A 81 13.98 13.87 -18.54
N TYR A 82 13.11 14.87 -18.52
CA TYR A 82 11.70 14.62 -18.76
C TYR A 82 11.03 15.84 -19.35
N GLU A 83 9.86 15.63 -19.95
CA GLU A 83 8.94 16.68 -20.31
C GLU A 83 7.53 16.19 -19.99
N VAL A 84 6.75 17.04 -19.31
CA VAL A 84 5.46 16.65 -18.77
C VAL A 84 4.36 17.21 -19.65
N HIS A 85 3.36 16.37 -19.94
CA HIS A 85 2.14 16.81 -20.61
C HIS A 85 0.94 16.18 -19.94
N LEU A 86 -0.18 16.90 -20.00
CA LEU A 86 -1.44 16.40 -19.44
C LEU A 86 -2.12 15.50 -20.45
N VAL A 87 -2.78 14.46 -19.93
CA VAL A 87 -3.43 13.49 -20.81
C VAL A 87 -4.47 14.19 -21.67
N ALA A 88 -4.46 13.89 -22.97
CA ALA A 88 -5.24 14.66 -23.94
C ALA A 88 -6.74 14.53 -23.69
N ASP A 89 -7.21 13.31 -23.39
CA ASP A 89 -8.64 13.09 -23.20
C ASP A 89 -9.08 13.28 -21.76
N GLY A 90 -8.15 13.58 -20.84
CA GLY A 90 -8.49 13.90 -19.48
C GLY A 90 -8.89 12.74 -18.60
N LYS A 91 -8.68 11.50 -19.05
CA LYS A 91 -9.12 10.32 -18.32
C LYS A 91 -7.93 9.55 -17.75
N PHE A 92 -8.22 8.72 -16.75
CA PHE A 92 -7.19 7.86 -16.17
C PHE A 92 -6.91 6.66 -17.07
N GLY A 93 -7.96 5.92 -17.45
CA GLY A 93 -7.79 4.84 -18.40
C GLY A 93 -8.57 3.58 -18.10
N THR A 94 -9.50 3.23 -18.99
CA THR A 94 -10.17 1.94 -19.00
C THR A 94 -10.06 1.34 -20.39
N GLN A 95 -10.34 0.04 -20.48
CA GLN A 95 -10.23 -0.70 -21.73
C GLN A 95 -11.61 -0.79 -22.36
N GLU A 96 -11.74 -0.33 -23.60
CA GLU A 96 -13.01 -0.27 -24.29
C GLU A 96 -12.95 -1.07 -25.59
N ARG A 97 -14.12 -1.54 -26.02
CA ARG A 97 -14.23 -2.25 -27.29
C ARG A 97 -14.22 -1.25 -28.44
N VAL A 98 -13.44 -1.56 -29.48
CA VAL A 98 -13.46 -0.74 -30.70
C VAL A 98 -14.67 -1.15 -31.53
N ASN A 99 -15.48 -0.17 -31.89
CA ASN A 99 -16.75 -0.46 -32.57
C ASN A 99 -16.51 -1.14 -33.91
N ASN A 100 -17.41 -2.07 -34.24
CA ASN A 100 -17.31 -2.87 -35.47
C ASN A 100 -16.00 -3.64 -35.51
N SER A 101 -15.56 -4.12 -34.36
CA SER A 101 -14.26 -4.77 -34.24
C SER A 101 -14.23 -5.62 -32.98
N ASN A 102 -13.36 -6.62 -33.00
CA ASN A 102 -13.03 -7.39 -31.81
C ASN A 102 -11.80 -6.86 -31.10
N LYS A 103 -11.18 -5.80 -31.64
CA LYS A 103 -10.07 -5.16 -30.98
C LYS A 103 -10.53 -4.41 -29.75
N LYS A 104 -9.63 -4.28 -28.78
CA LYS A 104 -9.83 -3.44 -27.61
C LYS A 104 -8.67 -2.45 -27.51
N GLU A 105 -8.97 -1.28 -26.94
CA GLU A 105 -7.95 -0.26 -26.74
C GLU A 105 -8.20 0.44 -25.42
N TRP A 106 -7.13 0.97 -24.84
CA TRP A 106 -7.23 1.75 -23.61
C TRP A 106 -7.36 3.23 -23.94
N ASN A 107 -8.13 3.94 -23.13
CA ASN A 107 -8.22 5.38 -23.22
C ASN A 107 -7.38 6.00 -22.11
N GLY A 108 -7.46 7.32 -21.97
CA GLY A 108 -6.81 8.01 -20.87
C GLY A 108 -5.31 7.87 -20.89
N MET A 109 -4.70 7.91 -19.70
CA MET A 109 -3.25 7.79 -19.59
C MET A 109 -2.78 6.38 -19.95
N MET A 110 -3.61 5.37 -19.70
CA MET A 110 -3.26 4.02 -20.08
C MET A 110 -3.04 3.91 -21.59
N GLY A 111 -3.93 4.51 -22.38
CA GLY A 111 -3.78 4.47 -23.81
C GLY A 111 -2.56 5.24 -24.30
N GLU A 112 -2.27 6.37 -23.66
CA GLU A 112 -1.10 7.15 -24.06
C GLU A 112 0.19 6.41 -23.76
N LEU A 113 0.24 5.70 -22.63
CA LEU A 113 1.44 4.94 -22.29
C LEU A 113 1.64 3.76 -23.25
N LEU A 114 0.56 3.05 -23.59
CA LEU A 114 0.69 1.88 -24.44
C LEU A 114 0.97 2.25 -25.89
N SER A 115 0.48 3.40 -26.34
CA SER A 115 0.68 3.81 -27.72
C SER A 115 2.03 4.46 -27.96
N GLY A 116 2.72 4.91 -26.91
CA GLY A 116 3.99 5.56 -27.04
C GLY A 116 3.97 7.07 -26.90
N GLN A 117 2.78 7.67 -26.83
CA GLN A 117 2.69 9.10 -26.56
C GLN A 117 3.29 9.47 -25.21
N ALA A 118 3.40 8.50 -24.30
CA ALA A 118 4.02 8.70 -23.00
C ALA A 118 4.93 7.51 -22.70
N ASP A 119 6.04 7.79 -22.03
CA ASP A 119 6.94 6.75 -21.59
C ASP A 119 6.72 6.35 -20.13
N MET A 120 6.00 7.17 -19.36
CA MET A 120 5.81 6.92 -17.94
C MET A 120 4.61 7.70 -17.46
N ILE A 121 3.76 7.03 -16.67
CA ILE A 121 2.61 7.68 -16.03
C ILE A 121 3.02 8.05 -14.62
N VAL A 122 3.01 9.35 -14.32
CA VAL A 122 3.30 9.86 -12.98
C VAL A 122 2.06 10.60 -12.52
N ALA A 123 1.20 9.90 -11.77
CA ALA A 123 -0.12 10.39 -11.39
C ALA A 123 -0.70 9.49 -10.32
N PRO A 124 -1.80 9.87 -9.65
CA PRO A 124 -2.47 8.94 -8.74
C PRO A 124 -3.16 7.82 -9.49
N LEU A 125 -2.38 6.93 -10.09
CA LEU A 125 -2.90 5.87 -10.95
C LEU A 125 -3.06 4.60 -10.13
N THR A 126 -4.30 4.12 -10.02
CA THR A 126 -4.59 2.96 -9.17
C THR A 126 -4.03 1.69 -9.79
N ILE A 127 -3.36 0.88 -8.96
CA ILE A 127 -2.91 -0.44 -9.38
C ILE A 127 -4.07 -1.42 -9.29
N ASN A 128 -4.34 -2.12 -10.39
CA ASN A 128 -5.33 -3.19 -10.39
C ASN A 128 -4.90 -4.26 -11.38
N ASN A 129 -5.61 -5.39 -11.33
CA ASN A 129 -5.27 -6.51 -12.20
C ASN A 129 -5.49 -6.16 -13.66
N GLU A 130 -6.55 -5.42 -13.97
CA GLU A 130 -6.90 -5.12 -15.36
C GLU A 130 -5.77 -4.38 -16.06
N ARG A 131 -5.23 -3.34 -15.43
CA ARG A 131 -4.15 -2.58 -16.04
C ARG A 131 -2.82 -3.31 -15.96
N ALA A 132 -2.61 -4.12 -14.92
CA ALA A 132 -1.34 -4.82 -14.76
C ALA A 132 -1.11 -5.89 -15.82
N GLN A 133 -2.17 -6.32 -16.50
CA GLN A 133 -2.00 -7.27 -17.60
C GLN A 133 -1.16 -6.67 -18.73
N TYR A 134 -1.25 -5.36 -18.93
CA TYR A 134 -0.69 -4.70 -20.09
C TYR A 134 0.49 -3.80 -19.79
N ILE A 135 0.58 -3.23 -18.59
CA ILE A 135 1.66 -2.34 -18.21
C ILE A 135 2.31 -2.85 -16.93
N GLU A 136 3.43 -2.26 -16.57
CA GLU A 136 4.16 -2.57 -15.35
C GLU A 136 3.97 -1.45 -14.35
N PHE A 137 3.53 -1.81 -13.15
CA PHE A 137 3.36 -0.85 -12.07
C PHE A 137 4.58 -0.84 -11.16
N SER A 138 4.87 0.33 -10.60
CA SER A 138 5.85 0.38 -9.53
C SER A 138 5.25 -0.24 -8.27
N LYS A 139 6.10 -0.43 -7.26
CA LYS A 139 5.59 -0.61 -5.93
C LYS A 139 4.82 0.65 -5.53
N PRO A 140 3.76 0.52 -4.74
CA PRO A 140 2.90 1.68 -4.46
C PRO A 140 3.68 2.80 -3.79
N PHE A 141 3.54 4.02 -4.33
CA PHE A 141 4.05 5.20 -3.65
C PHE A 141 3.04 5.80 -2.70
N LYS A 142 1.80 5.33 -2.71
CA LYS A 142 0.79 5.83 -1.79
C LYS A 142 -0.26 4.75 -1.58
N TYR A 143 -0.56 4.46 -0.31
CA TYR A 143 -1.62 3.54 0.04
C TYR A 143 -2.84 4.34 0.50
N GLN A 144 -4.00 4.00 -0.06
CA GLN A 144 -5.23 4.71 0.29
C GLN A 144 -6.41 3.79 0.01
N GLY A 145 -7.54 4.36 -0.38
CA GLY A 145 -8.68 3.54 -0.69
C GLY A 145 -9.82 4.36 -1.25
N LEU A 146 -11.00 3.75 -1.26
CA LEU A 146 -12.21 4.38 -1.77
C LEU A 146 -13.10 4.84 -0.62
N THR A 147 -13.70 6.01 -0.78
CA THR A 147 -14.66 6.52 0.17
C THR A 147 -15.71 7.32 -0.59
N ILE A 148 -16.65 7.91 0.15
CA ILE A 148 -17.78 8.62 -0.44
C ILE A 148 -17.78 10.06 0.08
N LEU A 149 -17.93 11.01 -0.83
CA LEU A 149 -18.00 12.42 -0.50
C LEU A 149 -19.41 12.94 -0.77
N VAL A 150 -19.97 13.67 0.20
CA VAL A 150 -21.30 14.25 0.08
C VAL A 150 -21.28 15.67 0.63
N LYS A 151 -22.36 16.40 0.39
CA LYS A 151 -22.52 17.73 0.94
C LYS A 151 -22.90 17.64 2.41
N LYS A 152 -22.36 18.57 3.21
CA LYS A 152 -22.75 18.65 4.61
C LYS A 152 -24.25 18.86 4.72
N GLY A 153 -24.92 18.00 5.49
CA GLY A 153 -26.36 17.92 5.56
C GLY A 153 -26.91 16.65 4.94
N THR A 154 -26.19 16.07 3.99
CA THR A 154 -26.54 14.75 3.46
C THR A 154 -26.02 13.69 4.41
N ARG A 155 -26.89 12.76 4.81
CA ARG A 155 -26.58 11.76 5.82
C ARG A 155 -26.78 10.37 5.25
N ILE A 156 -25.67 9.70 4.95
CA ILE A 156 -25.68 8.29 4.56
C ILE A 156 -24.66 7.56 5.42
N THR A 157 -24.93 6.27 5.66
CA THR A 157 -24.02 5.46 6.47
C THR A 157 -22.76 5.07 5.72
N GLY A 158 -22.80 5.04 4.40
CA GLY A 158 -21.65 4.64 3.61
C GLY A 158 -22.01 3.80 2.42
N ILE A 159 -21.14 2.86 2.05
CA ILE A 159 -21.34 2.06 0.85
C ILE A 159 -22.56 1.16 0.95
N ASN A 160 -23.01 0.84 2.16
CA ASN A 160 -24.14 -0.05 2.37
C ASN A 160 -25.42 0.70 2.74
N ASP A 161 -25.45 2.02 2.60
CA ASP A 161 -26.65 2.77 2.89
C ASP A 161 -27.77 2.35 1.96
N PRO A 162 -29.02 2.28 2.43
CA PRO A 162 -30.12 1.85 1.55
C PRO A 162 -30.27 2.71 0.31
N ARG A 163 -30.02 4.02 0.41
CA ARG A 163 -30.14 4.90 -0.75
C ARG A 163 -29.08 4.62 -1.81
N LEU A 164 -28.08 3.79 -1.50
CA LEU A 164 -27.08 3.36 -2.47
C LEU A 164 -27.30 1.93 -2.93
N ARG A 165 -27.70 1.03 -2.02
CA ARG A 165 -27.96 -0.35 -2.39
C ARG A 165 -29.28 -0.49 -3.14
N ASN A 166 -30.26 0.38 -2.87
CA ASN A 166 -31.54 0.43 -3.57
C ASN A 166 -31.67 1.79 -4.25
N PRO A 167 -30.92 2.02 -5.33
CA PRO A 167 -30.85 3.37 -5.91
C PRO A 167 -32.17 3.78 -6.55
N SER A 168 -32.26 5.09 -6.80
CA SER A 168 -33.41 5.71 -7.46
C SER A 168 -33.00 7.10 -7.89
N ASP A 169 -33.84 7.74 -8.70
CA ASP A 169 -33.51 9.05 -9.25
C ASP A 169 -33.59 10.17 -8.22
N LYS A 170 -34.01 9.89 -6.98
CA LYS A 170 -34.08 10.91 -5.95
C LYS A 170 -32.74 11.14 -5.26
N PHE A 171 -31.86 10.14 -5.26
CA PHE A 171 -30.53 10.24 -4.68
C PHE A 171 -29.53 9.78 -5.73
N ILE A 172 -28.79 10.73 -6.30
CA ILE A 172 -27.88 10.48 -7.42
C ILE A 172 -26.47 10.35 -6.88
N TYR A 173 -25.83 9.20 -7.13
CA TYR A 173 -24.43 8.99 -6.81
C TYR A 173 -23.70 8.47 -8.04
N ALA A 174 -22.41 8.78 -8.12
CA ALA A 174 -21.64 8.44 -9.31
C ALA A 174 -20.15 8.49 -9.00
N THR A 175 -19.35 8.14 -10.00
CA THR A 175 -17.90 8.28 -9.94
C THR A 175 -17.40 8.91 -11.23
N VAL A 176 -16.08 8.87 -11.47
CA VAL A 176 -15.50 9.44 -12.67
C VAL A 176 -15.53 8.42 -13.79
N LYS A 177 -15.86 8.88 -15.00
CA LYS A 177 -15.87 8.00 -16.16
C LYS A 177 -14.47 7.50 -16.47
N GLN A 178 -14.41 6.27 -16.97
CA GLN A 178 -13.17 5.67 -17.45
C GLN A 178 -12.06 5.76 -16.41
N SER A 179 -12.39 5.35 -15.19
CA SER A 179 -11.47 5.36 -14.06
C SER A 179 -11.42 3.97 -13.44
N SER A 180 -10.49 3.81 -12.49
CA SER A 180 -10.39 2.55 -11.77
C SER A 180 -11.64 2.24 -10.97
N VAL A 181 -12.31 3.28 -10.45
CA VAL A 181 -13.56 3.08 -9.74
C VAL A 181 -14.65 2.61 -10.69
N ASP A 182 -14.67 3.16 -11.90
CA ASP A 182 -15.60 2.68 -12.92
C ASP A 182 -15.35 1.21 -13.24
N ILE A 183 -14.08 0.81 -13.34
CA ILE A 183 -13.73 -0.60 -13.53
C ILE A 183 -14.28 -1.44 -12.38
N TYR A 184 -14.04 -0.98 -11.15
CA TYR A 184 -14.31 -1.79 -9.96
C TYR A 184 -15.79 -2.12 -9.82
N PHE A 185 -16.66 -1.15 -10.16
CA PHE A 185 -18.09 -1.39 -10.03
C PHE A 185 -18.66 -2.16 -11.21
N ARG A 186 -18.03 -2.08 -12.38
CA ARG A 186 -18.52 -2.79 -13.56
C ARG A 186 -18.21 -4.28 -13.48
N ARG A 187 -17.11 -4.65 -12.82
CA ARG A 187 -16.64 -6.03 -12.85
C ARG A 187 -17.30 -6.94 -11.83
N GLN A 188 -17.80 -6.40 -10.72
CA GLN A 188 -18.28 -7.22 -9.62
C GLN A 188 -19.77 -7.52 -9.80
N VAL A 189 -20.11 -8.81 -9.73
CA VAL A 189 -21.52 -9.22 -9.80
C VAL A 189 -22.33 -8.56 -8.71
N GLU A 190 -21.73 -8.40 -7.52
CA GLU A 190 -22.45 -7.88 -6.37
C GLU A 190 -22.79 -6.40 -6.50
N LEU A 191 -22.14 -5.68 -7.40
CA LEU A 191 -22.36 -4.26 -7.60
C LEU A 191 -23.17 -3.97 -8.86
N SER A 192 -23.88 -4.96 -9.39
CA SER A 192 -24.58 -4.78 -10.66
C SER A 192 -25.65 -3.71 -10.57
N THR A 193 -26.41 -3.69 -9.47
CA THR A 193 -27.46 -2.68 -9.32
C THR A 193 -26.86 -1.29 -9.14
N MET A 194 -25.81 -1.16 -8.31
CA MET A 194 -25.18 0.13 -8.12
C MET A 194 -24.55 0.65 -9.40
N TYR A 195 -23.95 -0.25 -10.20
CA TYR A 195 -23.31 0.18 -11.42
C TYR A 195 -24.32 0.68 -12.44
N ARG A 196 -25.50 0.05 -12.50
CA ARG A 196 -26.53 0.49 -13.42
C ARG A 196 -26.94 1.93 -13.13
N HIS A 197 -26.97 2.30 -11.84
CA HIS A 197 -27.31 3.67 -11.48
C HIS A 197 -26.16 4.63 -11.81
N MET A 198 -24.92 4.21 -11.55
CA MET A 198 -23.79 5.12 -11.67
C MET A 198 -23.48 5.43 -13.13
N GLU A 199 -23.59 4.44 -14.02
CA GLU A 199 -23.21 4.65 -15.42
C GLU A 199 -24.11 5.67 -16.11
N LYS A 200 -25.28 5.98 -15.54
CA LYS A 200 -26.12 7.05 -16.08
C LYS A 200 -25.66 8.43 -15.64
N HIS A 201 -24.85 8.52 -14.59
CA HIS A 201 -24.54 9.79 -13.96
C HIS A 201 -23.05 10.06 -13.77
N ASN A 202 -22.17 9.18 -14.27
CA ASN A 202 -20.74 9.36 -14.05
C ASN A 202 -20.25 10.65 -14.69
N TYR A 203 -19.21 11.23 -14.10
CA TYR A 203 -18.71 12.54 -14.49
C TYR A 203 -17.39 12.40 -15.24
N GLU A 204 -17.09 13.44 -16.04
CA GLU A 204 -15.90 13.42 -16.88
C GLU A 204 -14.61 13.61 -16.09
N SER A 205 -14.68 14.22 -14.92
CA SER A 205 -13.49 14.43 -14.10
C SER A 205 -13.92 14.58 -12.65
N ALA A 206 -12.96 14.38 -11.75
CA ALA A 206 -13.26 14.48 -10.32
C ALA A 206 -13.64 15.90 -9.92
N ALA A 207 -13.01 16.91 -10.55
CA ALA A 207 -13.33 18.29 -10.21
C ALA A 207 -14.77 18.63 -10.56
N GLU A 208 -15.23 18.19 -11.73
CA GLU A 208 -16.63 18.42 -12.10
C GLU A 208 -17.58 17.70 -11.15
N ALA A 209 -17.22 16.49 -10.72
CA ALA A 209 -18.06 15.76 -9.78
C ALA A 209 -18.08 16.44 -8.41
N ILE A 210 -16.92 16.92 -7.94
CA ILE A 210 -16.87 17.58 -6.64
C ILE A 210 -17.68 18.87 -6.67
N GLN A 211 -17.57 19.62 -7.77
CA GLN A 211 -18.38 20.84 -7.91
C GLN A 211 -19.86 20.52 -7.95
N ALA A 212 -20.23 19.38 -8.55
CA ALA A 212 -21.64 19.01 -8.61
C ALA A 212 -22.18 18.65 -7.23
N VAL A 213 -21.34 18.13 -6.34
CA VAL A 213 -21.76 17.84 -4.98
C VAL A 213 -22.04 19.14 -4.23
N ARG A 214 -21.18 20.15 -4.41
CA ARG A 214 -21.41 21.44 -3.77
C ARG A 214 -22.67 22.11 -4.32
N ASP A 215 -22.90 22.00 -5.62
CA ASP A 215 -24.06 22.59 -6.26
C ASP A 215 -25.33 21.75 -6.08
N ASN A 216 -25.24 20.64 -5.33
CA ASN A 216 -26.39 19.79 -5.01
C ASN A 216 -27.04 19.21 -6.26
N LYS A 217 -26.26 19.04 -7.33
CA LYS A 217 -26.70 18.30 -8.49
C LYS A 217 -26.27 16.84 -8.45
N LEU A 218 -25.21 16.53 -7.72
CA LEU A 218 -24.78 15.17 -7.44
C LEU A 218 -24.78 14.98 -5.93
N HIS A 219 -25.38 13.89 -5.46
CA HIS A 219 -25.60 13.71 -4.04
C HIS A 219 -24.52 12.91 -3.33
N ALA A 220 -23.78 12.07 -4.05
CA ALA A 220 -22.69 11.31 -3.45
C ALA A 220 -21.64 11.02 -4.51
N PHE A 221 -20.37 11.17 -4.14
CA PHE A 221 -19.24 10.98 -5.05
C PHE A 221 -18.35 9.89 -4.49
N ILE A 222 -18.23 8.78 -5.22
CA ILE A 222 -17.40 7.65 -4.84
C ILE A 222 -16.07 7.80 -5.55
N TRP A 223 -14.99 8.01 -4.79
CA TRP A 223 -13.70 8.33 -5.38
C TRP A 223 -12.59 8.01 -4.38
N ASP A 224 -11.36 8.33 -4.78
CA ASP A 224 -10.18 8.01 -3.99
C ASP A 224 -10.17 8.79 -2.67
N SER A 225 -9.78 8.10 -1.59
CA SER A 225 -9.80 8.72 -0.27
C SER A 225 -8.72 9.79 -0.14
N ALA A 226 -7.56 9.57 -0.76
CA ALA A 226 -6.48 10.55 -0.69
C ALA A 226 -6.89 11.88 -1.32
N VAL A 227 -7.84 11.85 -2.26
CA VAL A 227 -8.33 13.06 -2.90
C VAL A 227 -9.54 13.63 -2.16
N LEU A 228 -10.50 12.77 -1.81
CA LEU A 228 -11.73 13.24 -1.21
C LEU A 228 -11.49 13.83 0.18
N GLU A 229 -10.57 13.24 0.94
CA GLU A 229 -10.29 13.75 2.28
C GLU A 229 -9.58 15.10 2.23
N PHE A 230 -8.71 15.30 1.23
CA PHE A 230 -8.12 16.62 1.03
C PHE A 230 -9.18 17.64 0.67
N GLU A 231 -10.13 17.25 -0.19
CA GLU A 231 -11.19 18.16 -0.59
C GLU A 231 -12.05 18.56 0.61
N ALA A 232 -12.39 17.59 1.46
CA ALA A 232 -13.20 17.90 2.64
C ALA A 232 -12.43 18.78 3.62
N SER A 233 -11.11 18.64 3.70
CA SER A 233 -10.31 19.45 4.61
C SER A 233 -10.17 20.89 4.14
N GLN A 234 -10.50 21.18 2.87
CA GLN A 234 -10.39 22.52 2.34
C GLN A 234 -11.73 23.19 2.06
N LYS A 235 -12.80 22.42 1.92
CA LYS A 235 -14.12 22.92 1.57
C LYS A 235 -15.09 22.48 2.67
N CYS A 236 -15.48 23.44 3.52
CA CYS A 236 -16.23 23.12 4.73
C CYS A 236 -17.61 22.56 4.44
N ASP A 237 -18.17 22.80 3.25
CA ASP A 237 -19.48 22.28 2.92
C ASP A 237 -19.46 20.82 2.50
N LEU A 238 -18.29 20.19 2.47
CA LEU A 238 -18.15 18.81 2.03
C LEU A 238 -17.62 17.94 3.16
N VAL A 239 -18.11 16.70 3.22
CA VAL A 239 -17.67 15.72 4.20
C VAL A 239 -17.65 14.36 3.52
N THR A 240 -16.81 13.47 4.05
CA THR A 240 -16.74 12.09 3.61
C THR A 240 -17.44 11.19 4.63
N THR A 241 -17.59 9.92 4.24
CA THR A 241 -18.12 8.92 5.17
C THR A 241 -17.16 8.69 6.32
N GLY A 242 -15.87 9.00 6.12
CA GLY A 242 -14.85 8.66 7.08
C GLY A 242 -14.50 7.20 7.13
N GLU A 243 -14.99 6.42 6.16
CA GLU A 243 -14.80 4.98 6.12
C GLU A 243 -14.23 4.60 4.77
N LEU A 244 -13.21 3.72 4.79
CA LEU A 244 -12.69 3.12 3.58
C LEU A 244 -13.37 1.77 3.38
N PHE A 245 -14.06 1.61 2.26
CA PHE A 245 -14.71 0.33 1.96
C PHE A 245 -13.92 -0.53 1.00
N PHE A 246 -12.83 -0.01 0.45
CA PHE A 246 -11.91 -0.77 -0.38
C PHE A 246 -10.56 -0.08 -0.34
N ARG A 247 -9.48 -0.86 -0.22
CA ARG A 247 -8.14 -0.33 -0.10
C ARG A 247 -7.36 -0.60 -1.38
N SER A 248 -6.59 0.40 -1.81
CA SER A 248 -5.82 0.30 -3.04
C SER A 248 -4.62 1.23 -2.94
N GLY A 249 -3.75 1.15 -3.96
CA GLY A 249 -2.55 1.94 -3.98
C GLY A 249 -2.31 2.57 -5.34
N PHE A 250 -1.56 3.67 -5.32
CA PHE A 250 -1.13 4.36 -6.53
C PHE A 250 0.26 3.89 -6.91
N GLY A 251 0.49 3.73 -8.20
CA GLY A 251 1.79 3.30 -8.68
C GLY A 251 2.19 4.05 -9.93
N ILE A 252 3.51 4.15 -10.14
CA ILE A 252 4.02 4.67 -11.40
C ILE A 252 3.79 3.64 -12.49
N GLY A 253 3.34 4.10 -13.66
CA GLY A 253 3.01 3.23 -14.78
C GLY A 253 4.07 3.32 -15.86
N MET A 254 4.57 2.16 -16.27
CA MET A 254 5.56 2.07 -17.34
C MET A 254 5.18 0.93 -18.27
N ARG A 255 5.74 0.97 -19.48
CA ARG A 255 5.49 -0.10 -20.43
C ARG A 255 6.26 -1.35 -20.03
N LYS A 256 5.80 -2.49 -20.56
CA LYS A 256 6.42 -3.77 -20.26
C LYS A 256 7.90 -3.76 -20.65
N ASP A 257 8.74 -4.25 -19.75
CA ASP A 257 10.19 -4.33 -19.96
C ASP A 257 10.80 -2.95 -20.22
N SER A 258 10.27 -1.91 -19.58
CA SER A 258 10.92 -0.62 -19.62
C SER A 258 12.23 -0.68 -18.85
N PRO A 259 13.27 0.04 -19.29
CA PRO A 259 14.56 -0.03 -18.59
C PRO A 259 14.56 0.61 -17.22
N TRP A 260 13.53 1.38 -16.87
CA TRP A 260 13.48 2.10 -15.61
C TRP A 260 12.67 1.39 -14.53
N LYS A 261 12.06 0.24 -14.84
CA LYS A 261 11.13 -0.40 -13.90
C LYS A 261 11.78 -0.67 -12.56
N GLN A 262 12.94 -1.35 -12.57
CA GLN A 262 13.53 -1.82 -11.32
C GLN A 262 13.94 -0.65 -10.42
N ASN A 263 14.63 0.33 -11.00
CA ASN A 263 15.16 1.43 -10.17
C ASN A 263 14.06 2.37 -9.70
N VAL A 264 12.98 2.50 -10.47
CA VAL A 264 11.84 3.31 -10.01
C VAL A 264 11.25 2.71 -8.74
N SER A 265 11.05 1.40 -8.73
CA SER A 265 10.50 0.73 -7.56
C SER A 265 11.45 0.82 -6.37
N LEU A 266 12.74 0.62 -6.62
CA LEU A 266 13.73 0.73 -5.54
C LEU A 266 13.74 2.14 -4.96
N SER A 267 13.62 3.16 -5.81
CA SER A 267 13.59 4.53 -5.32
C SER A 267 12.34 4.80 -4.49
N ILE A 268 11.22 4.22 -4.89
CA ILE A 268 9.97 4.41 -4.14
C ILE A 268 10.06 3.73 -2.78
N LEU A 269 10.59 2.50 -2.74
CA LEU A 269 10.79 1.82 -1.46
C LEU A 269 11.76 2.60 -0.58
N LYS A 270 12.88 3.05 -1.15
CA LYS A 270 13.83 3.85 -0.40
C LYS A 270 13.18 5.13 0.12
N SER A 271 12.31 5.74 -0.68
CA SER A 271 11.68 7.00 -0.28
C SER A 271 10.70 6.79 0.86
N HIS A 272 9.97 5.67 0.84
CA HIS A 272 9.10 5.34 1.97
C HIS A 272 9.92 5.20 3.25
N GLU A 273 10.98 4.41 3.19
CA GLU A 273 11.84 4.21 4.36
C GLU A 273 12.68 5.44 4.67
N ASN A 274 12.86 6.34 3.70
CA ASN A 274 13.62 7.57 3.93
C ASN A 274 12.88 8.55 4.83
N GLY A 275 11.56 8.44 4.93
CA GLY A 275 10.76 9.53 5.41
C GLY A 275 10.46 10.58 4.37
N PHE A 276 10.95 10.39 3.13
CA PHE A 276 10.66 11.33 2.05
C PHE A 276 9.18 11.32 1.70
N MET A 277 8.59 10.13 1.60
CA MET A 277 7.15 10.05 1.37
C MET A 277 6.37 10.62 2.53
N GLU A 278 6.89 10.49 3.76
CA GLU A 278 6.27 11.14 4.90
C GLU A 278 6.29 12.66 4.74
N ASP A 279 7.39 13.20 4.22
CA ASP A 279 7.45 14.64 3.98
C ASP A 279 6.44 15.07 2.93
N LEU A 280 6.31 14.30 1.84
CA LEU A 280 5.31 14.61 0.83
C LEU A 280 3.90 14.50 1.41
N ASP A 281 3.67 13.49 2.25
CA ASP A 281 2.35 13.33 2.87
C ASP A 281 2.01 14.53 3.74
N LYS A 282 2.96 15.00 4.55
CA LYS A 282 2.71 16.16 5.39
C LYS A 282 2.52 17.43 4.56
N THR A 283 3.27 17.56 3.47
CA THR A 283 3.22 18.79 2.70
C THR A 283 1.93 18.91 1.90
N TRP A 284 1.45 17.81 1.31
CA TRP A 284 0.38 17.86 0.33
C TRP A 284 -0.93 17.24 0.80
N VAL A 285 -0.90 16.25 1.68
CA VAL A 285 -2.04 15.37 1.93
C VAL A 285 -2.75 15.70 3.24
N ARG A 286 -1.99 15.85 4.33
CA ARG A 286 -2.58 15.94 5.66
C ARG A 286 -2.97 17.37 6.00
N TYR A 287 -4.19 17.54 6.51
CA TYR A 287 -4.69 18.85 6.90
C TYR A 287 -5.59 18.68 8.12
N GLN A 288 -6.27 19.75 8.48
CA GLN A 288 -7.15 19.76 9.66
C GLN A 288 -8.39 18.91 9.43
N ASP B 3 9.80 -27.18 -14.67
CA ASP B 3 9.21 -27.90 -13.55
C ASP B 3 8.38 -26.97 -12.66
N ASN B 4 7.11 -27.32 -12.45
CA ASN B 4 6.20 -26.52 -11.67
C ASN B 4 6.03 -27.03 -10.24
N HIS B 5 7.04 -27.73 -9.72
CA HIS B 5 7.10 -28.12 -8.31
C HIS B 5 8.19 -27.30 -7.65
N LEU B 6 7.82 -26.52 -6.64
CA LEU B 6 8.69 -25.48 -6.10
C LEU B 6 8.99 -25.70 -4.63
N SER B 7 10.25 -25.45 -4.25
CA SER B 7 10.60 -25.40 -2.84
C SER B 7 10.24 -24.03 -2.29
N ILE B 8 9.46 -24.01 -1.20
CA ILE B 8 8.93 -22.79 -0.62
C ILE B 8 9.25 -22.77 0.86
N VAL B 9 9.76 -21.63 1.34
CA VAL B 9 10.12 -21.45 2.74
C VAL B 9 9.11 -20.52 3.40
N THR B 10 8.83 -20.77 4.68
CA THR B 10 7.92 -19.95 5.46
C THR B 10 8.51 -19.77 6.85
N LEU B 11 7.81 -19.00 7.67
CA LEU B 11 8.25 -18.68 9.02
C LEU B 11 7.04 -18.55 9.92
N GLU B 12 7.10 -19.15 11.11
CA GLU B 12 5.98 -19.11 12.03
C GLU B 12 5.81 -17.71 12.62
N GLU B 13 4.63 -17.13 12.42
CA GLU B 13 4.27 -15.89 13.10
C GLU B 13 2.75 -15.75 12.99
N ALA B 14 2.04 -16.13 14.05
CA ALA B 14 0.60 -16.05 14.06
C ALA B 14 0.15 -14.60 13.91
N PRO B 15 -0.98 -14.35 13.25
CA PRO B 15 -1.87 -15.34 12.63
C PRO B 15 -1.54 -15.62 11.16
N PHE B 16 -0.38 -15.13 10.72
CA PHE B 16 -0.03 -15.25 9.31
C PHE B 16 0.43 -16.66 8.96
N VAL B 17 1.27 -17.25 9.80
CA VAL B 17 1.66 -18.66 9.66
C VAL B 17 1.63 -19.28 11.06
N ILE B 18 0.72 -20.23 11.26
CA ILE B 18 0.57 -20.94 12.53
C ILE B 18 1.03 -22.37 12.32
N VAL B 19 1.85 -22.87 13.25
CA VAL B 19 2.46 -24.18 13.14
C VAL B 19 1.87 -25.10 14.19
N GLU B 20 1.42 -26.28 13.76
CA GLU B 20 0.90 -27.30 14.66
C GLU B 20 1.66 -28.60 14.43
N ASP B 21 1.47 -29.54 15.34
CA ASP B 21 1.98 -30.89 15.17
C ASP B 21 0.96 -31.73 14.39
N ILE B 22 1.44 -32.85 13.85
CA ILE B 22 0.54 -33.76 13.16
C ILE B 22 -0.48 -34.34 14.13
N ASP B 23 -1.64 -34.69 13.62
CA ASP B 23 -2.67 -35.29 14.46
C ASP B 23 -2.25 -36.70 14.86
N PRO B 24 -2.05 -36.99 16.15
CA PRO B 24 -1.58 -38.30 16.62
C PRO B 24 -2.50 -39.45 16.25
N GLU B 27 -1.87 -40.37 11.48
CA GLU B 27 -0.88 -39.34 11.79
C GLU B 27 -0.64 -38.42 10.59
N THR B 28 -1.64 -37.60 10.29
CA THR B 28 -1.61 -36.69 9.14
C THR B 28 -1.82 -35.26 9.61
N CYS B 29 -1.85 -34.34 8.65
CA CYS B 29 -2.17 -32.94 8.92
C CYS B 29 -3.67 -32.75 8.78
N VAL B 30 -4.31 -32.29 9.86
CA VAL B 30 -5.75 -32.08 9.83
C VAL B 30 -6.10 -31.01 8.78
N ARG B 31 -7.37 -30.99 8.40
CA ARG B 31 -7.80 -30.13 7.31
C ARG B 31 -7.74 -28.65 7.74
N ASN B 32 -7.68 -27.77 6.74
CA ASN B 32 -7.38 -26.33 6.81
C ASN B 32 -5.86 -26.08 6.91
N THR B 33 -5.05 -27.09 7.20
CA THR B 33 -3.61 -26.97 7.29
C THR B 33 -2.94 -27.65 6.10
N VAL B 34 -1.65 -27.33 5.91
CA VAL B 34 -0.84 -27.94 4.86
C VAL B 34 0.41 -28.52 5.51
N PRO B 35 1.04 -29.54 4.92
CA PRO B 35 2.28 -30.08 5.52
C PRO B 35 3.43 -29.10 5.38
N CYS B 36 4.16 -28.93 6.48
CA CYS B 36 5.40 -28.17 6.45
C CYS B 36 6.43 -28.89 7.30
N ARG B 37 7.64 -29.03 6.77
CA ARG B 37 8.71 -29.74 7.46
C ARG B 37 9.63 -28.74 8.16
N LYS B 38 10.21 -29.18 9.27
CA LYS B 38 11.08 -28.34 10.09
C LYS B 38 12.29 -29.16 10.48
N PHE B 39 13.48 -28.66 10.14
CA PHE B 39 14.72 -29.30 10.55
C PHE B 39 15.00 -28.94 12.00
N VAL B 40 15.03 -29.95 12.86
CA VAL B 40 15.16 -29.77 14.30
C VAL B 40 16.52 -30.30 14.73
N LYS B 41 17.35 -29.42 15.32
CA LYS B 41 18.71 -29.78 15.66
C LYS B 41 18.76 -30.74 16.83
N ILE B 42 19.80 -31.58 16.86
CA ILE B 42 20.02 -32.46 17.99
C ILE B 42 20.49 -31.66 19.21
N ASN B 43 21.43 -30.74 19.00
CA ASN B 43 21.88 -29.84 20.06
C ASN B 43 22.49 -28.62 19.39
N ASN B 44 23.01 -27.70 20.20
CA ASN B 44 23.52 -26.42 19.72
C ASN B 44 24.99 -26.46 19.37
N SER B 45 25.65 -27.62 19.46
CA SER B 45 27.05 -27.77 19.08
C SER B 45 27.22 -28.65 17.85
N THR B 46 26.17 -28.80 17.05
CA THR B 46 26.20 -29.68 15.89
C THR B 46 25.28 -29.14 14.82
N ASN B 47 25.57 -29.50 13.57
CA ASN B 47 24.67 -29.27 12.46
C ASN B 47 23.72 -30.43 12.23
N GLU B 48 23.91 -31.54 12.95
CA GLU B 48 23.05 -32.70 12.81
C GLU B 48 21.64 -32.39 13.33
N GLY B 49 20.65 -33.02 12.70
CA GLY B 49 19.29 -32.80 13.12
C GLY B 49 18.35 -33.78 12.43
N MET B 50 17.06 -33.57 12.65
CA MET B 50 16.02 -34.44 12.12
C MET B 50 14.94 -33.59 11.46
N ASN B 51 14.52 -33.99 10.27
CA ASN B 51 13.35 -33.37 9.66
C ASN B 51 12.09 -33.86 10.35
N VAL B 52 11.30 -32.92 10.85
CA VAL B 52 10.06 -33.23 11.56
C VAL B 52 8.88 -32.72 10.75
N LYS B 53 7.87 -33.55 10.61
CA LYS B 53 6.65 -33.17 9.90
C LYS B 53 5.78 -32.29 10.80
N LYS B 54 5.44 -31.10 10.32
CA LYS B 54 4.54 -30.20 11.01
C LYS B 54 3.38 -29.84 10.09
N CYS B 55 2.42 -29.11 10.65
CA CYS B 55 1.24 -28.68 9.91
C CYS B 55 1.12 -27.17 10.03
N CYS B 56 0.96 -26.49 8.90
CA CYS B 56 0.97 -25.04 8.84
C CYS B 56 -0.36 -24.52 8.32
N LYS B 57 -0.81 -23.42 8.92
CA LYS B 57 -2.06 -22.78 8.54
C LYS B 57 -1.95 -21.29 8.86
N GLY B 58 -2.91 -20.53 8.36
CA GLY B 58 -2.98 -19.12 8.69
C GLY B 58 -3.26 -18.28 7.46
N PHE B 59 -3.14 -16.97 7.64
CA PHE B 59 -3.49 -16.03 6.60
C PHE B 59 -2.68 -16.26 5.34
N CYS B 60 -1.35 -16.31 5.47
CA CYS B 60 -0.47 -16.46 4.33
C CYS B 60 -0.47 -17.88 3.76
N ILE B 61 -0.77 -18.88 4.59
CA ILE B 61 -0.92 -20.23 4.08
C ILE B 61 -2.13 -20.33 3.18
N ASP B 62 -3.22 -19.64 3.55
CA ASP B 62 -4.39 -19.59 2.68
C ASP B 62 -4.08 -18.84 1.39
N ILE B 63 -3.17 -17.86 1.44
CA ILE B 63 -2.70 -17.22 0.21
C ILE B 63 -2.00 -18.23 -0.67
N LEU B 64 -1.11 -19.04 -0.07
CA LEU B 64 -0.33 -20.00 -0.84
C LEU B 64 -1.23 -21.04 -1.50
N LYS B 65 -2.27 -21.48 -0.80
CA LYS B 65 -3.20 -22.44 -1.38
C LYS B 65 -3.92 -21.85 -2.59
N LYS B 66 -4.36 -20.60 -2.48
CA LYS B 66 -5.00 -19.93 -3.61
C LYS B 66 -4.03 -19.79 -4.78
N LEU B 67 -2.79 -19.39 -4.50
CA LEU B 67 -1.79 -19.22 -5.55
C LEU B 67 -1.49 -20.55 -6.24
N SER B 68 -1.28 -21.60 -5.45
CA SER B 68 -0.99 -22.91 -6.02
C SER B 68 -2.10 -23.37 -6.96
N ARG B 69 -3.35 -23.06 -6.61
CA ARG B 69 -4.47 -23.44 -7.46
C ARG B 69 -4.56 -22.56 -8.71
N THR B 70 -4.36 -21.25 -8.55
CA THR B 70 -4.56 -20.32 -9.67
C THR B 70 -3.36 -20.35 -10.62
N VAL B 71 -2.15 -20.22 -10.08
CA VAL B 71 -0.94 -20.22 -10.91
C VAL B 71 -0.53 -21.63 -11.33
N LYS B 72 -1.16 -22.66 -10.76
CA LYS B 72 -0.93 -24.05 -11.11
C LYS B 72 0.51 -24.48 -10.82
N PHE B 73 0.81 -24.71 -9.54
CA PHE B 73 2.09 -25.28 -9.14
C PHE B 73 1.90 -26.10 -7.88
N THR B 74 2.78 -27.06 -7.68
CA THR B 74 2.87 -27.82 -6.44
C THR B 74 4.11 -27.36 -5.68
N TYR B 75 4.19 -27.75 -4.41
CA TYR B 75 5.27 -27.22 -3.59
C TYR B 75 5.58 -28.15 -2.43
N ASP B 76 6.81 -28.03 -1.93
CA ASP B 76 7.23 -28.59 -0.65
C ASP B 76 7.53 -27.43 0.28
N LEU B 77 6.72 -27.28 1.31
CA LEU B 77 6.86 -26.17 2.26
C LEU B 77 7.74 -26.57 3.43
N TYR B 78 8.63 -25.66 3.83
CA TYR B 78 9.48 -25.91 4.98
C TYR B 78 9.70 -24.61 5.75
N LEU B 79 9.91 -24.75 7.05
CA LEU B 79 10.07 -23.61 7.94
C LEU B 79 11.54 -23.24 8.08
N VAL B 80 11.83 -21.94 8.02
CA VAL B 80 13.20 -21.47 8.19
C VAL B 80 13.64 -21.71 9.63
N THR B 81 14.92 -22.07 9.80
CA THR B 81 15.46 -22.37 11.11
C THR B 81 16.68 -21.54 11.50
N ASN B 82 17.34 -20.88 10.54
CA ASN B 82 18.44 -19.96 10.83
C ASN B 82 17.95 -18.55 10.52
N GLY B 83 17.61 -17.80 11.56
CA GLY B 83 17.08 -16.47 11.39
C GLY B 83 15.58 -16.46 11.32
N LYS B 84 15.04 -15.28 10.97
CA LYS B 84 13.60 -15.11 10.90
C LYS B 84 13.16 -14.64 9.52
N HIS B 85 12.78 -13.36 9.40
CA HIS B 85 12.31 -12.86 8.11
C HIS B 85 13.44 -12.73 7.12
N GLY B 86 14.54 -12.10 7.51
CA GLY B 86 15.66 -11.90 6.62
C GLY B 86 16.55 -10.76 7.06
N LYS B 87 17.76 -11.08 7.51
CA LYS B 87 18.71 -10.09 8.01
C LYS B 87 20.07 -10.34 7.38
N LYS B 88 20.72 -9.25 6.96
CA LYS B 88 22.04 -9.33 6.34
C LYS B 88 23.09 -9.16 7.43
N VAL B 89 23.80 -10.25 7.75
CA VAL B 89 24.86 -10.23 8.75
C VAL B 89 26.19 -10.33 8.01
N ASN B 90 26.98 -9.26 8.05
CA ASN B 90 28.27 -9.20 7.37
C ASN B 90 28.13 -9.55 5.89
N ASN B 91 27.11 -8.96 5.26
CA ASN B 91 26.78 -9.15 3.86
C ASN B 91 26.35 -10.57 3.52
N VAL B 92 25.86 -11.33 4.50
CA VAL B 92 25.35 -12.68 4.28
C VAL B 92 23.95 -12.77 4.87
N TRP B 93 22.99 -13.19 4.05
CA TRP B 93 21.59 -13.19 4.44
C TRP B 93 21.23 -14.45 5.24
N ASN B 94 20.37 -14.27 6.24
CA ASN B 94 19.75 -15.38 6.94
C ASN B 94 18.24 -15.32 6.74
N GLY B 95 17.52 -16.16 7.47
CA GLY B 95 16.07 -16.12 7.43
C GLY B 95 15.50 -16.56 6.09
N MET B 96 14.24 -16.15 5.86
CA MET B 96 13.55 -16.54 4.63
C MET B 96 14.24 -15.94 3.40
N ILE B 97 14.74 -14.71 3.52
CA ILE B 97 15.41 -14.08 2.39
C ILE B 97 16.67 -14.86 2.02
N GLY B 98 17.42 -15.31 3.03
CA GLY B 98 18.60 -16.10 2.74
C GLY B 98 18.28 -17.40 2.02
N GLU B 99 17.16 -18.03 2.37
CA GLU B 99 16.76 -19.25 1.69
C GLU B 99 16.51 -19.01 0.21
N VAL B 100 15.92 -17.86 -0.12
CA VAL B 100 15.68 -17.53 -1.52
C VAL B 100 16.96 -17.08 -2.20
N VAL B 101 17.74 -16.23 -1.52
CA VAL B 101 18.96 -15.68 -2.13
C VAL B 101 19.91 -16.80 -2.53
N TYR B 102 20.15 -17.75 -1.62
CA TYR B 102 21.08 -18.84 -1.87
C TYR B 102 20.39 -20.05 -2.48
N GLN B 103 19.17 -19.87 -3.02
CA GLN B 103 18.53 -20.80 -3.95
C GLN B 103 18.19 -22.15 -3.32
N ARG B 104 17.97 -22.17 -2.00
CA ARG B 104 17.36 -23.35 -1.40
C ARG B 104 15.84 -23.30 -1.48
N ALA B 105 15.27 -22.13 -1.73
CA ALA B 105 13.85 -21.96 -1.98
C ALA B 105 13.67 -20.97 -3.11
N VAL B 106 12.68 -21.22 -3.98
CA VAL B 106 12.36 -20.29 -5.05
C VAL B 106 11.27 -19.30 -4.65
N MET B 107 10.73 -19.43 -3.44
CA MET B 107 9.63 -18.58 -3.01
C MET B 107 9.57 -18.57 -1.50
N ALA B 108 9.28 -17.39 -0.93
CA ALA B 108 9.13 -17.22 0.50
C ALA B 108 7.74 -16.66 0.79
N VAL B 109 7.00 -17.32 1.68
CA VAL B 109 5.63 -16.96 1.99
C VAL B 109 5.51 -16.74 3.48
N GLY B 110 5.08 -15.55 3.89
CA GLY B 110 4.91 -15.28 5.31
C GLY B 110 4.73 -13.79 5.54
N SER B 111 4.90 -13.38 6.79
CA SER B 111 4.83 -11.97 7.18
C SER B 111 6.10 -11.24 6.75
N LEU B 112 6.46 -11.31 5.47
CA LEU B 112 7.73 -10.82 4.96
C LEU B 112 7.55 -9.42 4.40
N THR B 113 8.17 -8.44 5.03
CA THR B 113 8.01 -7.04 4.64
C THR B 113 8.84 -6.73 3.40
N ILE B 114 8.23 -6.01 2.45
CA ILE B 114 8.93 -5.52 1.27
C ILE B 114 9.75 -4.30 1.67
N ASN B 115 11.06 -4.35 1.43
CA ASN B 115 11.92 -3.19 1.64
C ASN B 115 12.95 -3.11 0.53
N GLU B 116 13.71 -2.01 0.52
CA GLU B 116 14.67 -1.76 -0.55
C GLU B 116 15.86 -2.71 -0.48
N GLU B 117 16.39 -2.95 0.72
CA GLU B 117 17.57 -3.79 0.87
C GLU B 117 17.30 -5.20 0.34
N ARG B 118 16.13 -5.75 0.64
CA ARG B 118 15.82 -7.10 0.19
C ARG B 118 15.51 -7.15 -1.31
N SER B 119 14.85 -6.10 -1.83
CA SER B 119 14.50 -6.07 -3.24
C SER B 119 15.73 -6.00 -4.14
N GLU B 120 16.90 -5.66 -3.60
CA GLU B 120 18.12 -5.68 -4.39
C GLU B 120 18.63 -7.10 -4.62
N VAL B 121 18.20 -8.07 -3.83
CA VAL B 121 18.66 -9.44 -3.97
C VAL B 121 17.53 -10.42 -4.24
N VAL B 122 16.27 -10.06 -4.03
CA VAL B 122 15.15 -10.90 -4.40
C VAL B 122 14.11 -10.05 -5.13
N ASP B 123 13.23 -10.73 -5.85
CA ASP B 123 12.07 -10.10 -6.44
C ASP B 123 10.88 -10.24 -5.50
N PHE B 124 10.08 -9.19 -5.39
CA PHE B 124 8.95 -9.18 -4.49
C PHE B 124 7.64 -9.14 -5.28
N SER B 125 6.65 -9.87 -4.79
CA SER B 125 5.31 -9.75 -5.33
C SER B 125 4.78 -8.33 -5.08
N VAL B 126 3.60 -8.06 -5.62
CA VAL B 126 2.84 -6.90 -5.17
C VAL B 126 2.50 -7.16 -3.71
N PRO B 127 2.37 -6.13 -2.87
CA PRO B 127 1.99 -6.38 -1.47
C PRO B 127 0.58 -6.94 -1.39
N PHE B 128 0.38 -7.92 -0.52
CA PHE B 128 -0.95 -8.48 -0.33
C PHE B 128 -1.62 -8.05 0.96
N VAL B 129 -0.88 -7.52 1.93
CA VAL B 129 -1.46 -6.82 3.07
C VAL B 129 -0.57 -5.63 3.40
N GLU B 130 -1.20 -4.50 3.72
CA GLU B 130 -0.45 -3.29 4.03
C GLU B 130 0.19 -3.39 5.40
N THR B 131 1.38 -2.80 5.53
CA THR B 131 2.06 -2.71 6.81
C THR B 131 2.98 -1.50 6.80
N GLY B 132 3.80 -1.40 7.83
CA GLY B 132 4.66 -0.24 8.01
C GLY B 132 5.01 -0.12 9.49
N ILE B 133 5.53 1.04 9.85
CA ILE B 133 5.86 1.33 11.24
C ILE B 133 4.68 2.07 11.86
N SER B 134 4.03 1.44 12.83
CA SER B 134 2.88 2.01 13.51
C SER B 134 3.18 2.16 15.00
N VAL B 135 2.20 2.68 15.74
CA VAL B 135 2.33 2.94 17.16
C VAL B 135 1.08 2.44 17.86
N MET B 136 1.26 1.71 18.96
CA MET B 136 0.16 1.25 19.80
C MET B 136 0.23 1.92 21.16
N VAL B 137 -0.92 2.36 21.67
CA VAL B 137 -1.02 3.04 22.95
C VAL B 137 -2.26 2.54 23.69
N SER B 138 -2.33 2.89 24.96
CA SER B 138 -3.56 2.67 25.72
C SER B 138 -4.61 3.68 25.26
N ARG B 139 -5.87 3.23 25.22
CA ARG B 139 -6.96 4.08 24.76
C ARG B 139 -7.02 5.37 25.56
N GLY B 140 -6.96 6.50 24.85
CA GLY B 140 -6.95 7.82 25.46
C GLY B 140 -5.65 8.57 25.26
N THR B 141 -4.56 7.88 24.98
CA THR B 141 -3.28 8.54 24.74
C THR B 141 -3.24 9.13 23.34
N GLN B 142 -2.71 10.34 23.23
CA GLN B 142 -2.74 11.12 22.00
C GLN B 142 -1.34 11.18 21.40
N VAL B 143 -1.15 10.45 20.30
CA VAL B 143 0.07 10.51 19.50
C VAL B 143 -0.32 10.43 18.03
N THR B 144 0.46 11.11 17.19
CA THR B 144 0.16 11.14 15.76
C THR B 144 0.83 10.02 14.99
N GLY B 145 1.98 9.57 15.42
CA GLY B 145 2.70 8.52 14.71
C GLY B 145 4.17 8.59 15.04
N LEU B 146 4.96 7.84 14.26
CA LEU B 146 6.39 7.76 14.51
C LEU B 146 7.05 9.14 14.46
N SER B 147 6.56 10.01 13.57
CA SER B 147 7.15 11.33 13.41
C SER B 147 6.68 12.35 14.44
N ASP B 148 5.84 11.93 15.39
CA ASP B 148 5.37 12.84 16.42
C ASP B 148 6.56 13.43 17.19
N LYS B 149 6.47 14.73 17.49
CA LYS B 149 7.53 15.40 18.24
C LYS B 149 7.71 14.79 19.62
N LYS B 150 6.66 14.17 20.16
CA LYS B 150 6.78 13.49 21.45
C LYS B 150 7.75 12.31 21.37
N PHE B 151 7.94 11.76 20.17
CA PHE B 151 8.94 10.72 19.94
C PHE B 151 10.27 11.29 19.48
N GLN B 152 10.24 12.28 18.58
CA GLN B 152 11.47 12.84 18.03
C GLN B 152 12.27 13.59 19.08
N ARG B 153 11.60 14.39 19.90
CA ARG B 153 12.23 15.18 20.95
C ARG B 153 11.57 14.84 22.28
N PRO B 154 11.88 13.68 22.85
CA PRO B 154 11.13 13.20 24.02
C PRO B 154 11.24 14.11 25.24
N HIS B 155 12.37 14.79 25.42
CA HIS B 155 12.58 15.61 26.60
C HIS B 155 12.03 17.03 26.46
N ASP B 156 11.37 17.34 25.35
CA ASP B 156 10.60 18.57 25.27
C ASP B 156 9.32 18.49 26.10
N TYR B 157 9.01 17.33 26.65
CA TYR B 157 7.80 17.09 27.43
C TYR B 157 8.20 16.51 28.78
N SER B 158 7.47 16.92 29.83
CA SER B 158 7.71 16.43 31.18
C SER B 158 6.40 15.93 31.74
N PRO B 159 6.29 14.63 32.10
CA PRO B 159 7.36 13.64 31.96
C PRO B 159 7.54 13.18 30.52
N PRO B 160 8.73 12.69 30.18
CA PRO B 160 8.96 12.21 28.82
C PRO B 160 8.18 10.93 28.54
N PHE B 161 7.74 10.80 27.29
CA PHE B 161 7.02 9.59 26.89
C PHE B 161 7.90 8.36 27.05
N ARG B 162 7.32 7.30 27.61
CA ARG B 162 8.00 6.01 27.74
C ARG B 162 7.56 5.13 26.59
N PHE B 163 8.46 4.90 25.64
CA PHE B 163 8.11 4.16 24.44
C PHE B 163 9.32 3.37 23.96
N GLY B 164 9.05 2.23 23.34
CA GLY B 164 10.12 1.38 22.84
C GLY B 164 9.62 0.44 21.78
N THR B 165 10.53 -0.43 21.33
CA THR B 165 10.24 -1.45 20.34
C THR B 165 10.96 -2.73 20.77
N VAL B 166 10.82 -3.77 19.96
CA VAL B 166 11.62 -4.98 20.09
C VAL B 166 12.89 -4.79 19.27
N PRO B 167 14.07 -4.79 19.87
CA PRO B 167 15.29 -4.44 19.13
C PRO B 167 15.69 -5.54 18.15
N ASN B 168 16.74 -5.24 17.39
CA ASN B 168 17.40 -6.13 16.45
C ASN B 168 16.57 -6.44 15.20
N GLY B 169 15.46 -5.74 14.99
CA GLY B 169 14.60 -5.96 13.86
C GLY B 169 14.57 -4.78 12.90
N SER B 170 13.60 -4.84 11.98
CA SER B 170 13.48 -3.80 10.97
C SER B 170 13.11 -2.46 11.59
N THR B 171 12.27 -2.48 12.64
CA THR B 171 11.80 -1.24 13.25
C THR B 171 12.96 -0.45 13.86
N GLU B 172 13.79 -1.11 14.66
CA GLU B 172 14.91 -0.42 15.30
C GLU B 172 15.89 0.13 14.26
N ARG B 173 16.15 -0.65 13.21
CA ARG B 173 17.08 -0.19 12.18
C ARG B 173 16.56 1.05 11.48
N ASN B 174 15.25 1.10 11.20
CA ASN B 174 14.68 2.26 10.53
C ASN B 174 14.76 3.50 11.42
N ILE B 175 14.43 3.36 12.71
CA ILE B 175 14.49 4.51 13.62
C ILE B 175 15.92 4.98 13.78
N ARG B 176 16.88 4.04 13.86
CA ARG B 176 18.28 4.42 14.00
C ARG B 176 18.74 5.25 12.81
N ASN B 177 18.29 4.90 11.60
CA ASN B 177 18.69 5.63 10.41
C ASN B 177 17.98 6.97 10.27
N ASN B 178 16.72 7.05 10.69
CA ASN B 178 15.89 8.22 10.45
C ASN B 178 15.84 9.20 11.61
N TYR B 179 15.80 8.70 12.85
CA TYR B 179 15.63 9.54 14.04
C TYR B 179 16.69 9.12 15.06
N PRO B 180 17.92 9.61 14.90
CA PRO B 180 19.01 9.14 15.77
C PRO B 180 18.79 9.39 17.25
N TYR B 181 18.26 10.56 17.64
CA TYR B 181 18.05 10.80 19.06
C TYR B 181 16.92 9.95 19.60
N MET B 182 15.84 9.78 18.83
CA MET B 182 14.75 8.91 19.26
C MET B 182 15.26 7.50 19.53
N HIS B 183 16.14 6.99 18.67
CA HIS B 183 16.71 5.67 18.88
C HIS B 183 17.55 5.66 20.16
N GLN B 184 18.38 6.69 20.36
CA GLN B 184 19.21 6.76 21.56
C GLN B 184 18.37 6.75 22.83
N TYR B 185 17.23 7.46 22.81
CA TYR B 185 16.41 7.57 24.01
C TYR B 185 15.64 6.28 24.28
N MET B 186 15.12 5.64 23.23
CA MET B 186 14.13 4.58 23.41
C MET B 186 14.74 3.21 23.69
N THR B 187 16.07 3.05 23.60
CA THR B 187 16.67 1.76 23.90
C THR B 187 16.49 1.39 25.37
N ARG B 188 16.35 2.40 26.24
CA ARG B 188 16.07 2.14 27.65
C ARG B 188 14.74 1.40 27.85
N PHE B 189 13.84 1.49 26.88
CA PHE B 189 12.54 0.81 26.94
C PHE B 189 12.45 -0.34 25.96
N ASN B 190 13.58 -0.93 25.59
CA ASN B 190 13.59 -2.11 24.73
C ASN B 190 12.71 -3.21 25.32
N GLN B 191 11.86 -3.79 24.48
CA GLN B 191 10.98 -4.87 24.88
C GLN B 191 11.50 -6.20 24.34
N ARG B 192 11.39 -7.26 25.15
CA ARG B 192 11.92 -8.54 24.73
C ARG B 192 11.06 -9.19 23.67
N GLY B 193 9.78 -8.84 23.60
CA GLY B 193 8.89 -9.40 22.60
C GLY B 193 7.58 -8.63 22.57
N VAL B 194 6.77 -8.96 21.57
CA VAL B 194 5.49 -8.30 21.39
C VAL B 194 4.60 -8.51 22.63
N GLU B 195 4.53 -9.76 23.10
CA GLU B 195 3.68 -10.05 24.26
C GLU B 195 4.15 -9.30 25.49
N ASP B 196 5.47 -9.16 25.67
CA ASP B 196 5.99 -8.36 26.78
C ASP B 196 5.52 -6.92 26.67
N ALA B 197 5.59 -6.34 25.46
CA ALA B 197 5.25 -4.94 25.28
C ALA B 197 3.77 -4.69 25.53
N LEU B 198 2.91 -5.63 25.13
CA LEU B 198 1.48 -5.47 25.38
C LEU B 198 1.19 -5.41 26.88
N VAL B 199 1.88 -6.24 27.67
CA VAL B 199 1.67 -6.25 29.10
C VAL B 199 2.16 -4.94 29.72
N SER B 200 3.32 -4.45 29.27
CA SER B 200 3.83 -3.18 29.78
C SER B 200 2.87 -2.04 29.47
N LEU B 201 2.23 -2.08 28.29
CA LEU B 201 1.24 -1.06 27.95
C LEU B 201 0.03 -1.14 28.88
N LYS B 202 -0.52 -2.35 29.05
CA LYS B 202 -1.74 -2.51 29.82
C LYS B 202 -1.53 -2.33 31.32
N THR B 203 -0.29 -2.41 31.80
CA THR B 203 0.02 -2.24 33.21
C THR B 203 0.64 -0.88 33.52
N GLY B 204 0.69 0.02 32.54
CA GLY B 204 1.17 1.37 32.77
C GLY B 204 2.68 1.51 32.89
N LYS B 205 3.45 0.48 32.57
CA LYS B 205 4.90 0.61 32.57
C LYS B 205 5.43 1.23 31.27
N LEU B 206 4.61 1.31 30.24
CA LEU B 206 5.00 1.82 28.94
C LEU B 206 3.87 2.68 28.39
N ASP B 207 4.22 3.77 27.72
CA ASP B 207 3.21 4.66 27.15
C ASP B 207 2.91 4.34 25.69
N ALA B 208 3.89 3.83 24.94
CA ALA B 208 3.68 3.53 23.54
C ALA B 208 4.61 2.41 23.11
N PHE B 209 4.17 1.65 22.09
CA PHE B 209 4.93 0.54 21.54
C PHE B 209 4.96 0.70 20.03
N ILE B 210 6.16 0.81 19.46
CA ILE B 210 6.35 1.07 18.04
C ILE B 210 6.78 -0.23 17.36
N TYR B 211 6.03 -0.64 16.34
CA TYR B 211 6.27 -1.95 15.74
C TYR B 211 5.52 -2.04 14.42
N ASP B 212 5.54 -3.25 13.85
CA ASP B 212 4.92 -3.52 12.55
C ASP B 212 3.41 -3.26 12.61
N ALA B 213 2.90 -2.57 11.59
CA ALA B 213 1.51 -2.14 11.59
C ALA B 213 0.55 -3.33 11.52
N ALA B 214 0.87 -4.33 10.68
CA ALA B 214 -0.02 -5.48 10.54
C ALA B 214 -0.13 -6.25 11.85
N VAL B 215 1.00 -6.42 12.55
CA VAL B 215 0.97 -7.13 13.82
C VAL B 215 0.22 -6.33 14.88
N LEU B 216 0.48 -5.02 14.95
CA LEU B 216 -0.17 -4.19 15.96
C LEU B 216 -1.67 -4.10 15.72
N ASN B 217 -2.09 -4.05 14.45
CA ASN B 217 -3.52 -4.02 14.15
C ASN B 217 -4.19 -5.32 14.59
N TYR B 218 -3.52 -6.45 14.36
CA TYR B 218 -4.07 -7.74 14.78
C TYR B 218 -4.16 -7.83 16.29
N LYS B 219 -3.14 -7.34 17.00
CA LYS B 219 -3.14 -7.43 18.46
C LYS B 219 -4.20 -6.51 19.07
N ALA B 220 -4.35 -5.30 18.53
CA ALA B 220 -5.37 -4.39 19.05
C ALA B 220 -6.77 -4.92 18.77
N GLY B 221 -6.96 -5.66 17.68
CA GLY B 221 -8.28 -6.16 17.35
C GLY B 221 -8.80 -7.20 18.32
N ARG B 222 -7.90 -7.92 18.98
CA ARG B 222 -8.27 -8.99 19.89
C ARG B 222 -7.95 -8.69 21.35
N ASP B 223 -7.51 -7.48 21.67
CA ASP B 223 -7.13 -7.14 23.03
C ASP B 223 -8.32 -7.30 23.97
N GLU B 224 -8.08 -7.93 25.12
CA GLU B 224 -9.13 -8.15 26.10
C GLU B 224 -9.57 -6.83 26.71
N GLY B 225 -10.85 -6.50 26.54
CA GLY B 225 -11.35 -5.21 26.94
C GLY B 225 -11.17 -4.11 25.93
N CYS B 226 -10.45 -4.38 24.84
CA CYS B 226 -10.24 -3.40 23.77
C CYS B 226 -9.61 -2.13 24.32
N LYS B 227 -8.61 -2.30 25.19
CA LYS B 227 -7.94 -1.18 25.83
C LYS B 227 -6.78 -0.64 25.01
N LEU B 228 -6.19 -1.44 24.13
CA LEU B 228 -5.05 -1.04 23.33
C LEU B 228 -5.51 -0.61 21.94
N VAL B 229 -5.00 0.52 21.46
CA VAL B 229 -5.37 1.08 20.17
C VAL B 229 -4.11 1.42 19.39
N THR B 230 -4.25 1.45 18.07
CA THR B 230 -3.19 1.88 17.16
C THR B 230 -3.58 3.20 16.51
N ILE B 231 -2.59 3.85 15.92
CA ILE B 231 -2.86 5.10 15.20
C ILE B 231 -3.65 4.80 13.92
N GLY B 232 -4.25 5.85 13.36
CA GLY B 232 -4.93 5.71 12.11
C GLY B 232 -3.98 5.33 10.98
N SER B 233 -4.52 4.65 9.97
CA SER B 233 -3.67 4.12 8.91
C SER B 233 -3.00 5.23 8.10
N GLY B 234 -3.60 6.42 8.06
CA GLY B 234 -2.99 7.54 7.37
C GLY B 234 -1.74 8.07 8.02
N TYR B 235 -1.42 7.61 9.22
CA TYR B 235 -0.24 8.05 9.95
C TYR B 235 0.83 6.98 10.07
N ILE B 236 0.64 5.82 9.43
CA ILE B 236 1.67 4.79 9.43
C ILE B 236 2.90 5.31 8.70
N PHE B 237 4.07 5.07 9.29
CA PHE B 237 5.33 5.54 8.73
C PHE B 237 5.94 4.47 7.83
N ALA B 238 6.51 4.92 6.71
CA ALA B 238 7.13 4.04 5.71
C ALA B 238 6.17 2.94 5.29
N THR B 239 5.04 3.36 4.74
CA THR B 239 4.02 2.41 4.30
C THR B 239 4.58 1.46 3.26
N THR B 240 4.43 0.17 3.52
CA THR B 240 4.80 -0.87 2.57
C THR B 240 3.82 -2.03 2.72
N GLY B 241 4.28 -3.25 2.52
CA GLY B 241 3.39 -4.38 2.71
C GLY B 241 4.15 -5.68 2.80
N TYR B 242 3.44 -6.71 3.28
CA TYR B 242 3.94 -8.07 3.14
C TYR B 242 3.87 -8.50 1.69
N GLY B 243 4.90 -9.18 1.22
CA GLY B 243 4.93 -9.66 -0.14
C GLY B 243 5.57 -11.03 -0.22
N ILE B 244 5.34 -11.70 -1.34
CA ILE B 244 5.99 -12.96 -1.63
C ILE B 244 7.35 -12.66 -2.25
N ALA B 245 8.40 -13.24 -1.69
CA ALA B 245 9.74 -13.09 -2.24
C ALA B 245 10.05 -14.24 -3.19
N LEU B 246 10.62 -13.91 -4.34
CA LEU B 246 11.01 -14.89 -5.34
C LEU B 246 12.46 -14.65 -5.72
N GLN B 247 13.07 -15.67 -6.33
CA GLN B 247 14.41 -15.53 -6.85
C GLN B 247 14.46 -14.41 -7.89
N LYS B 248 15.60 -13.72 -7.96
CA LYS B 248 15.73 -12.60 -8.87
C LYS B 248 15.49 -13.05 -10.30
N GLY B 249 14.59 -12.35 -10.99
CA GLY B 249 14.24 -12.70 -12.35
C GLY B 249 13.46 -13.99 -12.47
N SER B 250 12.63 -14.31 -11.48
CA SER B 250 11.89 -15.56 -11.50
C SER B 250 10.77 -15.50 -12.54
N PRO B 251 10.50 -16.60 -13.25
CA PRO B 251 9.41 -16.60 -14.23
C PRO B 251 8.02 -16.63 -13.59
N TRP B 252 7.92 -16.88 -12.28
CA TRP B 252 6.64 -16.94 -11.62
C TRP B 252 6.11 -15.58 -11.19
N LYS B 253 6.93 -14.54 -11.26
CA LYS B 253 6.57 -13.26 -10.65
C LYS B 253 5.31 -12.67 -11.28
N ARG B 254 5.23 -12.69 -12.61
CA ARG B 254 4.12 -12.00 -13.29
C ARG B 254 2.77 -12.63 -12.94
N GLN B 255 2.68 -13.96 -13.03
CA GLN B 255 1.40 -14.61 -12.75
C GLN B 255 1.08 -14.60 -11.27
N ILE B 256 2.09 -14.62 -10.40
CA ILE B 256 1.84 -14.43 -8.98
C ILE B 256 1.29 -13.03 -8.72
N ASP B 257 1.85 -12.02 -9.39
CA ASP B 257 1.36 -10.65 -9.21
C ASP B 257 -0.07 -10.51 -9.69
N LEU B 258 -0.38 -11.04 -10.88
CA LEU B 258 -1.73 -10.94 -11.40
C LEU B 258 -2.73 -11.73 -10.56
N ALA B 259 -2.30 -12.85 -9.98
CA ALA B 259 -3.19 -13.60 -9.11
C ALA B 259 -3.53 -12.82 -7.85
N LEU B 260 -2.53 -12.21 -7.23
CA LEU B 260 -2.75 -11.45 -6.00
C LEU B 260 -3.64 -10.24 -6.27
N LEU B 261 -3.39 -9.52 -7.36
CA LEU B 261 -4.23 -8.39 -7.71
C LEU B 261 -5.66 -8.83 -8.02
N GLN B 262 -5.82 -10.04 -8.57
CA GLN B 262 -7.15 -10.58 -8.78
C GLN B 262 -7.83 -10.88 -7.44
N PHE B 263 -7.08 -11.48 -6.50
CA PHE B 263 -7.65 -11.77 -5.19
C PHE B 263 -8.09 -10.50 -4.48
N VAL B 264 -7.29 -9.44 -4.59
CA VAL B 264 -7.64 -8.17 -3.95
C VAL B 264 -8.89 -7.58 -4.58
N GLY B 265 -8.96 -7.59 -5.91
CA GLY B 265 -10.05 -6.91 -6.59
C GLY B 265 -11.39 -7.59 -6.46
N ASP B 266 -11.40 -8.93 -6.36
CA ASP B 266 -12.65 -9.68 -6.36
C ASP B 266 -13.11 -10.07 -4.97
N GLY B 267 -12.53 -9.48 -3.92
CA GLY B 267 -12.99 -9.69 -2.57
C GLY B 267 -12.42 -10.90 -1.86
N GLU B 268 -11.58 -11.70 -2.52
CA GLU B 268 -11.01 -12.88 -1.87
C GLU B 268 -10.06 -12.49 -0.74
N MET B 269 -9.30 -11.41 -0.93
CA MET B 269 -8.37 -10.97 0.09
C MET B 269 -9.10 -10.46 1.33
N GLU B 270 -10.20 -9.71 1.13
CA GLU B 270 -10.96 -9.21 2.25
C GLU B 270 -11.57 -10.36 3.06
N GLU B 271 -11.94 -11.45 2.39
CA GLU B 271 -12.47 -12.61 3.09
C GLU B 271 -11.41 -13.24 3.98
N LEU B 272 -10.17 -13.32 3.50
CA LEU B 272 -9.09 -13.88 4.31
C LEU B 272 -8.77 -12.98 5.49
N GLU B 273 -8.86 -11.65 5.30
CA GLU B 273 -8.65 -10.72 6.40
C GLU B 273 -9.74 -10.87 7.46
N THR B 274 -10.99 -11.02 7.03
CA THR B 274 -12.08 -11.29 7.96
C THR B 274 -11.85 -12.60 8.69
N LEU B 275 -11.30 -13.60 8.00
CA LEU B 275 -11.14 -14.92 8.59
C LEU B 275 -10.01 -14.96 9.60
N TRP B 276 -8.92 -14.24 9.34
CA TRP B 276 -7.69 -14.37 10.12
C TRP B 276 -7.28 -13.11 10.88
N LEU B 277 -7.62 -11.92 10.39
CA LEU B 277 -7.01 -10.69 10.88
C LEU B 277 -7.95 -9.79 11.67
N THR B 278 -9.18 -9.60 11.21
CA THR B 278 -10.08 -8.66 11.87
C THR B 278 -10.54 -9.20 13.21
N GLY B 279 -10.47 -8.36 14.25
CA GLY B 279 -10.89 -8.72 15.58
C GLY B 279 -12.20 -8.04 15.98
N ILE B 280 -12.60 -8.32 17.22
CA ILE B 280 -13.86 -7.80 17.73
C ILE B 280 -13.74 -6.31 18.06
N CYS B 281 -12.55 -5.86 18.45
CA CYS B 281 -12.37 -4.47 18.89
C CYS B 281 -12.58 -3.52 17.73
N HIS B 282 -13.56 -2.63 17.88
CA HIS B 282 -14.04 -1.67 16.87
C HIS B 282 -13.44 -1.81 15.46
N GLY C . -7.19 6.55 -9.13
CA GLY C . -8.09 6.66 -10.27
C GLY C . -7.68 5.78 -11.44
O GLY C . -8.49 5.50 -12.32
OXT GLY C . -6.55 5.32 -11.51
C11 N9D D . 7.56 -2.64 8.18
C17 N9D D . 9.45 -1.57 9.20
C18 N9D D . 9.43 -2.52 10.20
C19 N9D D . 10.80 -5.85 13.76
O20 N9D D . 10.81 -6.93 14.42
C02 N9D D . 9.10 -7.86 9.44
C03 N9D D . 9.26 -6.38 9.77
C04 N9D D . 8.51 -6.02 10.94
C05 N9D D . 9.22 -6.63 12.18
C06 N9D D . 10.22 -5.80 12.34
C09 N9D D . 8.50 -3.54 10.20
C10 N9D D . 7.54 -3.59 9.20
C12 N9D D . 8.50 -1.63 8.19
C13 N9D D . 8.51 -0.58 7.08
C14 N9D D . 9.91 -0.30 6.53
C15 N9D D . 10.39 -1.39 5.57
C22 N9D D . 10.20 -8.30 8.46
N01 N9D D . 7.81 -8.09 8.84
N07 N9D D . 9.60 -4.33 12.03
N08 N9D D . 8.53 -4.51 11.30
O21 N9D D . 11.30 -4.81 14.26
O23 N9D D . 9.88 -8.79 7.34
O24 N9D D . 11.41 -8.18 8.77
#